data_5MAL
#
_entry.id   5MAL
#
_cell.length_a   38.090
_cell.length_b   78.690
_cell.length_c   56.560
_cell.angle_alpha   90.000
_cell.angle_beta   104.490
_cell.angle_gamma   90.000
#
_symmetry.space_group_name_H-M   'P 1 21 1'
#
loop_
_entity.id
_entity.type
_entity.pdbx_description
1 polymer Lipase
2 water water
#
_entity_poly.entity_id   1
_entity_poly.type   'polypeptide(L)'
_entity_poly.pdbx_seq_one_letter_code
;ATDYVALGDSYSSGVGAGSYDSSSGSCKRSTKSYPALWAASHTGTRFNFTACSGARTGDVLAKQLTPVNSGTDLVSITIG
GNDAGFADTMTTCNLQGESACLARIAKARAYIQQTLPAQLDQVYDAIDSRAPAAQVVVLGYPRFYKLGGSCAVGLSEKSR
AAINAAADDINAVTAKRAADHGFAFGDVNTTFAGHELCSGAPWLHSVTLPVENSYHPTANGQSKGYLPVLNSAT
;
_entity_poly.pdbx_strand_id   A,B
#
# COMPACT_ATOMS: atom_id res chain seq x y z
N ALA A 1 30.63 -2.84 -7.16
CA ALA A 1 30.15 -1.78 -6.28
C ALA A 1 30.26 -2.25 -4.84
N THR A 2 29.10 -2.43 -4.20
CA THR A 2 28.88 -3.38 -3.10
C THR A 2 27.48 -3.29 -2.53
N ASP A 3 27.37 -3.13 -1.21
CA ASP A 3 26.09 -3.36 -0.55
C ASP A 3 25.23 -2.12 -0.67
N TYR A 4 24.25 -2.23 -1.54
CA TYR A 4 23.35 -1.15 -1.87
C TYR A 4 21.96 -1.53 -1.37
N VAL A 5 21.41 -0.73 -0.46
CA VAL A 5 20.01 -0.92 -0.10
C VAL A 5 19.18 0.19 -0.71
N ALA A 6 18.17 -0.19 -1.47
CA ALA A 6 17.28 0.80 -2.08
C ALA A 6 15.92 0.74 -1.40
N LEU A 7 15.63 1.80 -0.65
CA LEU A 7 14.40 1.94 0.12
C LEU A 7 13.42 2.84 -0.56
N GLY A 8 12.20 2.83 -0.06
CA GLY A 8 11.27 3.88 -0.43
C GLY A 8 9.95 3.42 -0.98
N ASP A 9 9.31 4.32 -1.72
CA ASP A 9 7.97 4.09 -2.21
C ASP A 9 8.01 3.77 -3.68
N SER A 10 6.94 4.09 -4.39
CA SER A 10 6.77 3.63 -5.75
C SER A 10 7.69 4.37 -6.72
N TYR A 11 8.16 5.55 -6.32
CA TYR A 11 9.08 6.28 -7.20
C TYR A 11 10.44 5.62 -7.20
N SER A 12 10.69 4.82 -6.16
CA SER A 12 11.95 4.10 -6.08
C SER A 12 11.76 2.69 -6.57
N SER A 13 10.62 2.09 -6.25
CA SER A 13 10.37 0.72 -6.71
C SER A 13 10.23 0.73 -8.23
N GLY A 14 9.67 1.81 -8.76
CA GLY A 14 9.57 1.96 -10.20
C GLY A 14 8.21 1.61 -10.78
N VAL A 15 7.16 1.78 -9.99
CA VAL A 15 5.81 1.69 -10.53
C VAL A 15 5.73 2.60 -11.73
N GLY A 16 5.28 2.07 -12.86
CA GLY A 16 5.23 2.86 -14.08
C GLY A 16 6.35 2.61 -15.07
N ALA A 17 7.44 1.97 -14.62
CA ALA A 17 8.57 1.72 -15.49
C ALA A 17 8.56 0.31 -16.06
N GLY A 18 7.66 -0.53 -15.55
CA GLY A 18 7.46 -1.86 -16.09
C GLY A 18 8.48 -2.90 -15.66
N SER A 19 8.49 -4.04 -16.35
CA SER A 19 9.48 -5.08 -16.11
C SER A 19 9.67 -5.38 -14.61
N TYR A 20 8.57 -5.69 -13.92
CA TYR A 20 8.63 -5.89 -12.48
C TYR A 20 9.17 -7.26 -12.10
N ASP A 21 9.90 -7.28 -10.99
CA ASP A 21 10.33 -8.53 -10.39
C ASP A 21 9.10 -9.23 -9.83
N SER A 22 8.87 -10.48 -10.22
CA SER A 22 7.64 -11.14 -9.78
C SER A 22 7.62 -11.38 -8.26
N SER A 23 8.78 -11.61 -7.67
CA SER A 23 8.84 -11.91 -6.23
C SER A 23 8.53 -10.71 -5.33
N SER A 24 8.60 -9.51 -5.88
CA SER A 24 8.37 -8.31 -5.05
C SER A 24 6.90 -8.14 -4.73
N GLY A 25 6.04 -8.96 -5.33
CA GLY A 25 4.62 -8.85 -5.08
C GLY A 25 4.10 -7.47 -5.37
N SER A 26 3.26 -6.97 -4.48
CA SER A 26 2.62 -5.69 -4.69
C SER A 26 3.60 -4.53 -4.59
N CYS A 27 4.85 -4.80 -4.21
CA CYS A 27 5.85 -3.76 -4.12
C CYS A 27 6.15 -3.16 -5.49
N LYS A 28 5.95 -3.96 -6.54
CA LYS A 28 6.14 -3.52 -7.90
C LYS A 28 7.54 -2.95 -8.10
N ARG A 29 8.54 -3.75 -7.75
CA ARG A 29 9.92 -3.34 -7.99
C ARG A 29 10.34 -3.64 -9.42
N SER A 30 10.48 -2.57 -10.18
CA SER A 30 10.81 -2.63 -11.59
C SER A 30 12.29 -2.84 -11.83
N THR A 31 12.63 -3.67 -12.81
CA THR A 31 14.03 -3.79 -13.21
C THR A 31 14.50 -2.55 -13.97
N LYS A 32 13.55 -1.69 -14.34
CA LYS A 32 13.89 -0.44 -15.00
C LYS A 32 13.77 0.74 -14.05
N SER A 33 13.58 0.45 -12.78
CA SER A 33 13.63 1.48 -11.73
C SER A 33 15.05 2.01 -11.56
N TYR A 34 15.22 3.21 -11.02
CA TYR A 34 16.60 3.71 -10.96
C TYR A 34 17.48 2.82 -10.05
N PRO A 35 16.92 2.25 -8.95
CA PRO A 35 17.87 1.40 -8.20
C PRO A 35 18.28 0.16 -8.96
N ALA A 36 17.35 -0.49 -9.65
CA ALA A 36 17.69 -1.67 -10.41
C ALA A 36 18.66 -1.33 -11.54
N LEU A 37 18.44 -0.20 -12.20
CA LEU A 37 19.36 0.24 -13.25
C LEU A 37 20.75 0.53 -12.68
N TRP A 38 20.78 1.15 -11.51
CA TRP A 38 22.05 1.42 -10.88
C TRP A 38 22.78 0.11 -10.57
N ALA A 39 22.07 -0.83 -9.96
CA ALA A 39 22.73 -2.07 -9.55
C ALA A 39 23.22 -2.80 -10.80
N ALA A 40 22.42 -2.79 -11.86
CA ALA A 40 22.75 -3.52 -13.08
C ALA A 40 23.92 -2.90 -13.84
N SER A 41 24.29 -1.67 -13.48
CA SER A 41 25.35 -0.97 -14.19
C SER A 41 26.55 -0.69 -13.31
N HIS A 42 26.53 -1.23 -12.10
CA HIS A 42 27.69 -1.14 -11.22
C HIS A 42 28.08 -2.54 -10.78
N THR A 43 29.19 -3.01 -11.33
CA THR A 43 29.55 -4.42 -11.25
C THR A 43 29.75 -4.85 -9.80
N GLY A 44 29.10 -5.95 -9.43
CA GLY A 44 29.31 -6.53 -8.12
C GLY A 44 28.41 -5.97 -7.03
N THR A 45 27.36 -5.26 -7.42
CA THR A 45 26.42 -4.70 -6.47
C THR A 45 25.65 -5.80 -5.76
N ARG A 46 25.82 -5.87 -4.44
CA ARG A 46 24.94 -6.69 -3.63
C ARG A 46 23.70 -5.83 -3.38
N PHE A 47 22.66 -6.13 -4.15
CA PHE A 47 21.53 -5.23 -4.30
C PHE A 47 20.33 -5.67 -3.47
N ASN A 48 20.11 -4.99 -2.36
CA ASN A 48 18.94 -5.26 -1.54
C ASN A 48 17.85 -4.23 -1.78
N PHE A 49 16.85 -4.63 -2.56
CA PHE A 49 15.85 -3.72 -3.07
C PHE A 49 14.57 -3.94 -2.28
N THR A 50 14.30 -3.05 -1.35
CA THR A 50 13.15 -3.22 -0.47
C THR A 50 12.09 -2.13 -0.65
N ALA A 51 12.36 -1.17 -1.53
CA ALA A 51 11.38 -0.16 -1.86
C ALA A 51 10.07 -0.81 -2.25
N CYS A 52 8.96 -0.14 -2.00
CA CYS A 52 7.68 -0.80 -2.16
C CYS A 52 6.58 0.19 -2.48
N SER A 53 5.83 -0.09 -3.53
CA SER A 53 4.71 0.76 -3.88
C SER A 53 3.80 0.94 -2.68
N GLY A 54 3.38 2.17 -2.43
CA GLY A 54 2.44 2.45 -1.35
C GLY A 54 3.11 2.76 -0.03
N ALA A 55 4.42 2.57 0.04
CA ALA A 55 5.14 2.74 1.30
C ALA A 55 5.06 4.13 1.87
N ARG A 56 4.76 4.18 3.18
CA ARG A 56 4.91 5.37 3.98
C ARG A 56 6.18 5.19 4.79
N THR A 57 6.60 6.26 5.47
CA THR A 57 7.76 6.18 6.36
C THR A 57 7.62 5.01 7.35
N GLY A 58 6.39 4.78 7.82
CA GLY A 58 6.12 3.70 8.76
C GLY A 58 6.33 2.33 8.16
N ASP A 59 6.04 2.22 6.86
CA ASP A 59 6.25 0.97 6.15
C ASP A 59 7.74 0.74 5.93
N VAL A 60 8.48 1.82 5.74
CA VAL A 60 9.92 1.70 5.60
C VAL A 60 10.47 1.12 6.91
N LEU A 61 9.98 1.66 8.02
CA LEU A 61 10.42 1.19 9.34
C LEU A 61 10.03 -0.27 9.60
N ALA A 62 8.82 -0.64 9.20
CA ALA A 62 8.30 -1.98 9.51
C ALA A 62 8.77 -3.08 8.56
N LYS A 63 9.07 -2.74 7.32
CA LYS A 63 9.24 -3.78 6.31
C LYS A 63 10.52 -3.66 5.50
N GLN A 64 11.16 -2.49 5.50
CA GLN A 64 12.20 -2.20 4.50
C GLN A 64 13.64 -2.09 5.01
N LEU A 65 13.83 -1.83 6.29
CA LEU A 65 15.18 -1.57 6.76
C LEU A 65 15.97 -2.84 7.10
N THR A 66 15.32 -4.00 6.95
CA THR A 66 15.95 -5.26 7.35
C THR A 66 17.40 -5.46 6.83
N PRO A 67 17.66 -5.18 5.54
CA PRO A 67 19.04 -5.40 5.06
C PRO A 67 19.98 -4.22 5.28
N VAL A 68 19.52 -3.19 5.98
CA VAL A 68 20.36 -2.04 6.26
C VAL A 68 21.17 -2.33 7.51
N ASN A 69 22.49 -2.37 7.39
CA ASN A 69 23.32 -2.72 8.52
C ASN A 69 24.73 -2.15 8.34
N SER A 70 25.66 -2.55 9.21
CA SER A 70 26.98 -1.92 9.18
C SER A 70 27.69 -2.18 7.86
N GLY A 71 27.31 -3.25 7.16
CA GLY A 71 27.92 -3.57 5.88
C GLY A 71 27.43 -2.74 4.72
N THR A 72 26.35 -2.00 4.91
CA THR A 72 25.76 -1.25 3.80
C THR A 72 26.67 -0.11 3.35
N ASP A 73 26.89 -0.02 2.04
CA ASP A 73 27.74 1.02 1.45
C ASP A 73 26.94 2.18 0.89
N LEU A 74 25.76 1.86 0.38
CA LEU A 74 24.92 2.84 -0.28
C LEU A 74 23.48 2.64 0.10
N VAL A 75 22.80 3.72 0.46
CA VAL A 75 21.37 3.67 0.69
C VAL A 75 20.72 4.75 -0.17
N SER A 76 19.69 4.38 -0.91
CA SER A 76 18.89 5.38 -1.61
C SER A 76 17.47 5.34 -1.08
N ILE A 77 16.76 6.45 -1.18
CA ILE A 77 15.38 6.45 -0.76
C ILE A 77 14.59 7.60 -1.36
N THR A 78 13.35 7.30 -1.75
CA THR A 78 12.32 8.30 -1.92
C THR A 78 11.23 7.89 -0.95
N ILE A 79 10.84 8.77 -0.03
CA ILE A 79 9.74 8.44 0.87
C ILE A 79 9.15 9.72 1.40
N GLY A 80 7.84 9.69 1.67
CA GLY A 80 7.18 10.85 2.21
C GLY A 80 5.97 11.26 1.41
N GLY A 81 5.97 10.95 0.12
CA GLY A 81 4.83 11.25 -0.72
C GLY A 81 3.55 10.59 -0.22
N ASN A 82 3.64 9.32 0.12
CA ASN A 82 2.46 8.59 0.56
C ASN A 82 2.02 9.01 1.95
N ASP A 83 2.98 9.41 2.78
CA ASP A 83 2.67 9.95 4.09
C ASP A 83 1.78 11.19 3.93
N ALA A 84 2.07 11.97 2.89
CA ALA A 84 1.34 13.20 2.65
C ALA A 84 0.08 12.92 1.83
N GLY A 85 -0.11 11.66 1.44
CA GLY A 85 -1.27 11.23 0.70
C GLY A 85 -1.29 11.71 -0.73
N PHE A 86 -0.17 11.60 -1.43
CA PHE A 86 -0.08 12.08 -2.81
C PHE A 86 -0.95 11.29 -3.79
N ALA A 87 -0.89 9.96 -3.70
CA ALA A 87 -1.70 9.10 -4.57
C ALA A 87 -3.17 9.45 -4.42
N ASP A 88 -3.64 9.42 -3.17
CA ASP A 88 -5.01 9.80 -2.82
C ASP A 88 -5.37 11.18 -3.35
N THR A 89 -4.46 12.13 -3.16
CA THR A 89 -4.65 13.49 -3.65
C THR A 89 -4.83 13.55 -5.16
N MET A 90 -3.95 12.88 -5.89
CA MET A 90 -4.04 12.86 -7.35
C MET A 90 -5.36 12.27 -7.80
N THR A 91 -5.78 11.19 -7.15
CA THR A 91 -7.03 10.54 -7.49
C THR A 91 -8.21 11.48 -7.29
N THR A 92 -8.22 12.15 -6.15
CA THR A 92 -9.28 13.08 -5.80
C THR A 92 -9.32 14.22 -6.81
N CYS A 93 -8.15 14.71 -7.17
CA CYS A 93 -8.03 15.82 -8.09
C CYS A 93 -8.59 15.53 -9.47
N ASN A 94 -8.47 14.29 -9.89
CA ASN A 94 -8.87 13.95 -11.23
C ASN A 94 -10.31 13.47 -11.28
N LEU A 95 -10.93 13.37 -10.10
CA LEU A 95 -12.31 12.94 -10.02
C LEU A 95 -13.27 14.05 -9.59
N GLN A 96 -12.85 14.88 -8.65
CA GLN A 96 -13.79 15.77 -7.98
C GLN A 96 -13.70 17.24 -8.39
N GLY A 97 -12.76 17.55 -9.28
CA GLY A 97 -12.66 18.89 -9.80
C GLY A 97 -11.77 19.82 -8.98
N GLU A 98 -11.61 21.04 -9.48
CA GLU A 98 -10.58 21.92 -9.00
C GLU A 98 -10.68 22.31 -7.53
N SER A 99 -11.87 22.68 -7.09
CA SER A 99 -12.02 23.13 -5.71
C SER A 99 -11.63 22.03 -4.75
N ALA A 100 -12.20 20.84 -4.94
CA ALA A 100 -11.86 19.69 -4.13
C ALA A 100 -10.37 19.38 -4.24
N CYS A 101 -9.84 19.46 -5.46
CA CYS A 101 -8.42 19.22 -5.69
C CYS A 101 -7.56 20.18 -4.87
N LEU A 102 -7.83 21.47 -4.97
CA LEU A 102 -7.04 22.47 -4.28
C LEU A 102 -7.08 22.24 -2.76
N ALA A 103 -8.26 21.89 -2.26
CA ALA A 103 -8.44 21.59 -0.84
C ALA A 103 -7.60 20.38 -0.42
N ARG A 104 -7.63 19.35 -1.25
CA ARG A 104 -6.89 18.13 -0.97
C ARG A 104 -5.39 18.39 -0.99
N ILE A 105 -4.92 19.17 -1.96
CA ILE A 105 -3.53 19.59 -2.04
C ILE A 105 -3.12 20.40 -0.82
N ALA A 106 -3.97 21.33 -0.42
CA ALA A 106 -3.68 22.16 0.74
C ALA A 106 -3.48 21.28 1.98
N LYS A 107 -4.32 20.26 2.10
CA LYS A 107 -4.24 19.34 3.23
C LYS A 107 -2.92 18.57 3.12
N ALA A 108 -2.58 18.13 1.91
CA ALA A 108 -1.34 17.42 1.69
C ALA A 108 -0.15 18.31 2.00
N ARG A 109 -0.24 19.58 1.60
CA ARG A 109 0.88 20.49 1.79
C ARG A 109 1.06 20.83 3.26
N ALA A 110 -0.04 20.90 3.99
CA ALA A 110 0.06 21.11 5.43
C ALA A 110 0.80 19.93 6.05
N TYR A 111 0.50 18.73 5.56
CA TYR A 111 1.15 17.52 6.06
C TYR A 111 2.64 17.58 5.80
N ILE A 112 2.99 17.84 4.55
CA ILE A 112 4.38 17.95 4.14
C ILE A 112 5.16 18.94 4.99
N GLN A 113 4.59 20.13 5.19
CA GLN A 113 5.32 21.20 5.85
C GLN A 113 5.45 20.95 7.35
N GLN A 114 4.43 20.32 7.93
CA GLN A 114 4.29 20.23 9.38
C GLN A 114 4.62 18.85 9.96
N THR A 115 4.00 17.84 9.37
CA THR A 115 3.92 16.50 9.96
C THR A 115 5.04 15.61 9.45
N LEU A 116 5.35 15.74 8.17
CA LEU A 116 6.35 14.89 7.53
C LEU A 116 7.80 14.98 8.06
N PRO A 117 8.32 16.20 8.33
CA PRO A 117 9.73 16.28 8.72
C PRO A 117 10.12 15.31 9.83
N ALA A 118 9.26 15.15 10.85
CA ALA A 118 9.61 14.29 11.98
C ALA A 118 9.57 12.83 11.59
N GLN A 119 8.72 12.50 10.61
CA GLN A 119 8.63 11.13 10.17
C GLN A 119 9.82 10.78 9.32
N LEU A 120 10.33 11.76 8.57
CA LEU A 120 11.57 11.54 7.84
C LEU A 120 12.70 11.27 8.83
N ASP A 121 12.76 12.07 9.89
CA ASP A 121 13.76 11.88 10.93
C ASP A 121 13.72 10.46 11.48
N GLN A 122 12.50 9.93 11.65
CA GLN A 122 12.33 8.56 12.13
C GLN A 122 13.10 7.59 11.24
N VAL A 123 12.91 7.73 9.94
CA VAL A 123 13.59 6.86 9.01
C VAL A 123 15.07 7.17 9.00
N TYR A 124 15.41 8.46 8.94
CA TYR A 124 16.81 8.82 8.73
C TYR A 124 17.63 8.46 9.97
N ASP A 125 17.02 8.58 11.15
CA ASP A 125 17.68 8.14 12.39
C ASP A 125 18.01 6.66 12.34
N ALA A 126 17.08 5.89 11.78
CA ALA A 126 17.30 4.45 11.67
C ALA A 126 18.48 4.19 10.75
N ILE A 127 18.52 4.90 9.62
CA ILE A 127 19.64 4.76 8.70
C ILE A 127 20.95 5.19 9.37
N ASP A 128 20.91 6.31 10.09
CA ASP A 128 22.06 6.79 10.85
C ASP A 128 22.66 5.71 11.73
N SER A 129 21.78 5.04 12.44
CA SER A 129 22.18 4.04 13.44
CA SER A 129 22.18 4.04 13.44
C SER A 129 22.68 2.76 12.78
N ARG A 130 21.91 2.24 11.83
CA ARG A 130 22.23 0.93 11.27
C ARG A 130 23.37 0.94 10.28
N ALA A 131 23.48 2.01 9.50
CA ALA A 131 24.42 2.05 8.40
C ALA A 131 25.26 3.31 8.45
N PRO A 132 26.11 3.43 9.48
CA PRO A 132 26.87 4.67 9.71
C PRO A 132 27.90 4.98 8.63
N ALA A 133 28.38 3.96 7.92
CA ALA A 133 29.38 4.19 6.89
C ALA A 133 28.74 4.39 5.53
N ALA A 134 27.45 4.10 5.44
CA ALA A 134 26.79 4.13 4.14
C ALA A 134 26.72 5.55 3.62
N GLN A 135 27.00 5.69 2.34
CA GLN A 135 26.70 6.93 1.69
CA GLN A 135 26.68 6.94 1.65
C GLN A 135 25.19 6.88 1.40
N VAL A 136 24.48 7.94 1.79
CA VAL A 136 23.03 7.92 1.72
C VAL A 136 22.55 8.98 0.75
N VAL A 137 21.73 8.56 -0.21
CA VAL A 137 21.20 9.50 -1.18
C VAL A 137 19.69 9.53 -1.06
N VAL A 138 19.18 10.67 -0.63
CA VAL A 138 17.74 10.89 -0.63
C VAL A 138 17.36 11.55 -1.95
N LEU A 139 16.44 10.97 -2.68
CA LEU A 139 16.04 11.55 -3.93
C LEU A 139 14.68 12.19 -3.74
N GLY A 140 14.47 13.33 -4.38
CA GLY A 140 13.20 14.03 -4.27
C GLY A 140 12.17 13.51 -5.26
N TYR A 141 11.08 14.26 -5.39
CA TYR A 141 10.05 13.97 -6.37
C TYR A 141 10.09 15.04 -7.43
N PRO A 142 9.63 14.72 -8.65
CA PRO A 142 9.66 15.77 -9.66
C PRO A 142 8.42 16.63 -9.52
N ARG A 143 8.52 17.92 -9.82
CA ARG A 143 7.33 18.70 -10.09
C ARG A 143 6.62 17.98 -11.23
N PHE A 144 5.30 17.80 -11.09
CA PHE A 144 4.58 16.98 -12.06
C PHE A 144 4.30 17.71 -13.38
N TYR A 145 4.22 19.03 -13.34
CA TYR A 145 3.71 19.79 -14.49
C TYR A 145 4.63 20.89 -14.97
N LYS A 146 4.65 21.09 -16.28
CA LYS A 146 5.20 22.31 -16.86
C LYS A 146 4.04 23.29 -16.93
N LEU A 147 4.24 24.48 -16.38
CA LEU A 147 3.19 25.50 -16.40
C LEU A 147 3.36 26.47 -17.57
N GLY A 148 2.26 27.08 -17.99
CA GLY A 148 2.31 28.21 -18.91
C GLY A 148 1.87 27.95 -20.32
N GLY A 149 1.76 26.68 -20.69
CA GLY A 149 1.36 26.34 -22.04
C GLY A 149 -0.02 25.73 -22.06
N SER A 150 -0.55 25.53 -23.26
CA SER A 150 -1.74 24.75 -23.45
C SER A 150 -1.38 23.31 -23.11
N CYS A 151 -2.24 22.62 -22.37
CA CYS A 151 -1.99 21.22 -22.07
C CYS A 151 -3.27 20.38 -22.09
N ALA A 152 -3.18 19.22 -22.73
CA ALA A 152 -4.34 18.38 -23.00
C ALA A 152 -4.69 17.50 -21.81
N VAL A 153 -4.96 18.11 -20.67
CA VAL A 153 -5.19 17.33 -19.48
C VAL A 153 -6.38 17.89 -18.68
N GLY A 154 -6.97 17.05 -17.83
CA GLY A 154 -8.15 17.44 -17.09
C GLY A 154 -7.91 18.42 -15.95
N LEU A 155 -6.76 18.33 -15.29
CA LEU A 155 -6.44 19.23 -14.20
C LEU A 155 -6.22 20.65 -14.70
N SER A 156 -6.84 21.62 -14.04
CA SER A 156 -6.65 23.02 -14.38
C SER A 156 -5.22 23.48 -14.14
N GLU A 157 -4.86 24.62 -14.74
CA GLU A 157 -3.59 25.26 -14.46
C GLU A 157 -3.39 25.45 -12.96
N LYS A 158 -4.46 25.80 -12.24
CA LYS A 158 -4.36 26.07 -10.80
C LYS A 158 -3.98 24.81 -10.06
N SER A 159 -4.64 23.72 -10.45
CA SER A 159 -4.41 22.41 -9.84
C SER A 159 -3.00 21.94 -10.14
N ARG A 160 -2.54 22.14 -11.37
CA ARG A 160 -1.19 21.75 -11.75
C ARG A 160 -0.18 22.50 -10.91
N ALA A 161 -0.39 23.80 -10.79
CA ALA A 161 0.52 24.64 -10.03
C ALA A 161 0.54 24.24 -8.56
N ALA A 162 -0.64 23.89 -8.05
CA ALA A 162 -0.79 23.51 -6.66
C ALA A 162 -0.05 22.21 -6.36
N ILE A 163 -0.22 21.25 -7.25
CA ILE A 163 0.53 19.98 -7.19
C ILE A 163 2.02 20.22 -7.30
N ASN A 164 2.43 21.11 -8.20
CA ASN A 164 3.84 21.49 -8.29
C ASN A 164 4.35 22.03 -6.96
N ALA A 165 3.54 22.88 -6.34
CA ALA A 165 3.92 23.51 -5.08
C ALA A 165 4.11 22.46 -3.98
N ALA A 166 3.24 21.45 -3.98
CA ALA A 166 3.36 20.32 -3.07
C ALA A 166 4.69 19.63 -3.29
N ALA A 167 5.04 19.40 -4.55
CA ALA A 167 6.35 18.83 -4.87
C ALA A 167 7.46 19.72 -4.36
N ASP A 168 7.36 21.02 -4.65
CA ASP A 168 8.34 21.98 -4.18
C ASP A 168 8.46 21.90 -2.66
N ASP A 169 7.32 21.85 -1.98
CA ASP A 169 7.29 21.75 -0.51
C ASP A 169 8.01 20.50 -0.06
N ILE A 170 7.67 19.35 -0.65
CA ILE A 170 8.22 18.11 -0.14
C ILE A 170 9.70 18.04 -0.41
N ASN A 171 10.14 18.62 -1.53
CA ASN A 171 11.57 18.62 -1.87
C ASN A 171 12.37 19.54 -0.97
N ALA A 172 11.80 20.69 -0.62
CA ALA A 172 12.42 21.60 0.34
C ALA A 172 12.53 20.95 1.70
N VAL A 173 11.44 20.38 2.19
CA VAL A 173 11.43 19.73 3.50
C VAL A 173 12.46 18.60 3.52
N THR A 174 12.48 17.84 2.45
CA THR A 174 13.32 16.65 2.39
C THR A 174 14.79 16.99 2.20
N ALA A 175 15.08 17.99 1.38
CA ALA A 175 16.47 18.37 1.21
C ALA A 175 17.06 18.82 2.54
N LYS A 176 16.30 19.60 3.30
CA LYS A 176 16.80 20.06 4.60
C LYS A 176 16.89 18.93 5.63
N ARG A 177 15.93 18.00 5.66
CA ARG A 177 16.03 16.85 6.55
C ARG A 177 17.23 15.99 6.17
N ALA A 178 17.40 15.72 4.88
CA ALA A 178 18.51 14.91 4.39
C ALA A 178 19.84 15.53 4.82
N ALA A 179 20.00 16.81 4.55
CA ALA A 179 21.22 17.51 4.91
C ALA A 179 21.41 17.51 6.43
N ASP A 180 20.31 17.50 7.16
CA ASP A 180 20.36 17.51 8.62
C ASP A 180 20.89 16.20 9.20
N HIS A 181 20.91 15.15 8.38
CA HIS A 181 21.52 13.89 8.77
C HIS A 181 22.79 13.60 7.98
N GLY A 182 23.26 14.60 7.23
CA GLY A 182 24.46 14.46 6.45
C GLY A 182 24.25 13.58 5.24
N PHE A 183 23.00 13.42 4.83
CA PHE A 183 22.69 12.66 3.61
C PHE A 183 22.73 13.58 2.40
N ALA A 184 23.07 13.01 1.25
CA ALA A 184 22.96 13.75 0.00
C ALA A 184 21.50 13.82 -0.38
N PHE A 185 21.11 14.93 -0.99
CA PHE A 185 19.80 15.06 -1.60
C PHE A 185 19.95 15.15 -3.11
N GLY A 186 19.17 14.36 -3.83
CA GLY A 186 19.18 14.37 -5.27
C GLY A 186 17.91 15.03 -5.76
N ASP A 187 18.06 16.22 -6.31
CA ASP A 187 16.92 16.97 -6.84
C ASP A 187 16.62 16.49 -8.24
N VAL A 188 15.51 15.79 -8.42
CA VAL A 188 15.27 15.22 -9.74
C VAL A 188 14.64 16.22 -10.72
N ASN A 189 14.35 17.43 -10.26
CA ASN A 189 13.93 18.47 -11.19
C ASN A 189 15.06 18.87 -12.09
N THR A 190 16.29 18.55 -11.70
CA THR A 190 17.43 18.89 -12.54
C THR A 190 17.31 18.13 -13.86
N THR A 191 16.73 16.94 -13.81
CA THR A 191 16.61 16.12 -15.01
C THR A 191 15.20 16.12 -15.58
N PHE A 192 14.18 16.22 -14.72
CA PHE A 192 12.79 16.20 -15.19
C PHE A 192 12.33 17.53 -15.79
N ALA A 193 13.10 18.59 -15.60
CA ALA A 193 12.75 19.87 -16.24
C ALA A 193 12.75 19.65 -17.75
N GLY A 194 11.67 20.03 -18.40
CA GLY A 194 11.54 19.80 -19.82
C GLY A 194 10.85 18.48 -20.09
N HIS A 195 10.55 17.76 -19.01
CA HIS A 195 9.94 16.44 -19.13
C HIS A 195 8.82 16.22 -18.12
N GLU A 196 8.23 17.32 -17.69
CA GLU A 196 7.05 17.26 -16.84
C GLU A 196 5.84 16.90 -17.69
N LEU A 197 4.72 16.60 -17.06
CA LEU A 197 3.48 16.56 -17.79
C LEU A 197 3.28 17.96 -18.39
N CYS A 198 2.73 17.98 -19.61
CA CYS A 198 2.50 19.22 -20.38
C CYS A 198 3.78 19.81 -20.95
N SER A 199 4.89 19.10 -20.81
CA SER A 199 6.15 19.62 -21.35
C SER A 199 6.28 19.33 -22.84
N GLY A 200 5.50 18.36 -23.31
CA GLY A 200 5.61 17.89 -24.68
C GLY A 200 6.57 16.72 -24.76
N ALA A 201 7.28 16.49 -23.65
CA ALA A 201 8.21 15.38 -23.58
C ALA A 201 8.12 14.67 -22.23
N PRO A 202 6.90 14.24 -21.85
CA PRO A 202 6.71 13.75 -20.47
C PRO A 202 7.54 12.52 -20.17
N TRP A 203 8.18 12.54 -18.99
CA TRP A 203 8.84 11.39 -18.41
C TRP A 203 8.05 10.87 -17.23
N LEU A 204 6.82 11.37 -17.11
CA LEU A 204 5.87 10.91 -16.12
C LEU A 204 4.66 10.40 -16.84
N HIS A 205 4.01 9.39 -16.29
CA HIS A 205 2.69 9.02 -16.74
C HIS A 205 1.72 10.09 -16.30
N SER A 206 0.75 10.42 -17.15
CA SER A 206 -0.33 11.27 -16.70
C SER A 206 -1.29 10.38 -15.93
N VAL A 207 -2.53 10.84 -15.78
CA VAL A 207 -3.57 9.97 -15.28
C VAL A 207 -3.82 8.92 -16.34
N THR A 208 -3.49 7.67 -16.01
CA THR A 208 -3.41 6.66 -17.05
C THR A 208 -3.88 5.29 -16.58
N LEU A 209 -3.70 4.29 -17.44
CA LEU A 209 -3.98 2.90 -17.11
C LEU A 209 -2.75 2.07 -17.46
N PRO A 210 -2.42 1.06 -16.64
CA PRO A 210 -3.08 0.65 -15.38
C PRO A 210 -3.03 1.77 -14.34
N VAL A 211 -4.06 1.86 -13.49
CA VAL A 211 -4.27 3.04 -12.63
C VAL A 211 -3.07 3.38 -11.76
N GLU A 212 -2.38 2.37 -11.27
CA GLU A 212 -1.27 2.59 -10.35
C GLU A 212 -0.14 3.41 -10.99
N ASN A 213 -0.07 3.43 -12.31
CA ASN A 213 1.03 4.09 -13.01
C ASN A 213 0.94 5.61 -13.04
N SER A 214 -0.26 6.12 -12.78
CA SER A 214 -0.51 7.54 -12.93
C SER A 214 0.45 8.38 -12.09
N TYR A 215 1.05 9.40 -12.70
CA TYR A 215 1.97 10.34 -12.07
C TYR A 215 3.31 9.73 -11.66
N HIS A 216 3.56 8.50 -12.07
CA HIS A 216 4.85 7.90 -11.78
C HIS A 216 5.77 8.03 -12.98
N PRO A 217 7.08 7.92 -12.75
CA PRO A 217 7.99 8.05 -13.89
C PRO A 217 7.78 6.93 -14.90
N THR A 218 7.91 7.28 -16.17
CA THR A 218 7.95 6.30 -17.22
C THR A 218 9.29 5.57 -17.14
N ALA A 219 9.51 4.60 -18.03
CA ALA A 219 10.80 3.95 -18.11
C ALA A 219 11.89 4.98 -18.40
N ASN A 220 11.58 5.93 -19.28
CA ASN A 220 12.51 6.99 -19.65
C ASN A 220 12.77 7.90 -18.43
N GLY A 221 11.72 8.14 -17.67
CA GLY A 221 11.82 8.92 -16.43
C GLY A 221 12.72 8.25 -15.41
N GLN A 222 12.67 6.94 -15.32
CA GLN A 222 13.54 6.27 -14.38
C GLN A 222 14.97 6.29 -14.86
N SER A 223 15.17 6.03 -16.14
CA SER A 223 16.50 5.83 -16.69
C SER A 223 17.24 7.15 -16.90
N LYS A 224 16.50 8.22 -17.19
CA LYS A 224 17.16 9.50 -17.43
C LYS A 224 16.74 10.62 -16.52
N GLY A 225 15.69 10.39 -15.74
CA GLY A 225 15.29 11.36 -14.75
C GLY A 225 15.91 10.95 -13.42
N TYR A 226 15.49 9.83 -12.87
CA TYR A 226 15.99 9.42 -11.56
C TYR A 226 17.41 8.89 -11.55
N LEU A 227 17.71 7.93 -12.42
CA LEU A 227 19.00 7.26 -12.36
C LEU A 227 20.18 8.24 -12.48
N PRO A 228 20.11 9.22 -13.40
CA PRO A 228 21.28 10.11 -13.47
C PRO A 228 21.48 10.89 -12.18
N VAL A 229 20.40 11.15 -11.46
CA VAL A 229 20.53 11.84 -10.19
C VAL A 229 21.20 10.95 -9.12
N LEU A 230 20.85 9.67 -9.10
CA LEU A 230 21.56 8.77 -8.21
C LEU A 230 23.03 8.70 -8.62
N ASN A 231 23.29 8.55 -9.91
CA ASN A 231 24.67 8.48 -10.37
C ASN A 231 25.48 9.72 -10.03
N SER A 232 24.83 10.88 -9.99
CA SER A 232 25.55 12.11 -9.73
C SER A 232 26.10 12.13 -8.31
N ALA A 233 25.47 11.34 -7.44
CA ALA A 233 25.89 11.25 -6.06
C ALA A 233 26.74 9.99 -5.94
N THR A 234 26.96 9.40 -7.11
CA THR A 234 27.60 8.11 -7.40
C THR A 234 26.71 6.99 -6.94
N ALA B 1 9.34 -18.63 4.43
CA ALA B 1 9.38 -18.90 5.86
C ALA B 1 8.83 -20.30 6.17
N THR B 2 8.78 -20.65 7.46
CA THR B 2 8.52 -22.02 7.83
C THR B 2 7.17 -22.18 8.55
N ASP B 3 7.11 -21.94 9.86
CA ASP B 3 5.86 -22.13 10.60
C ASP B 3 4.92 -20.95 10.38
N TYR B 4 3.91 -21.16 9.55
CA TYR B 4 2.99 -20.09 9.15
C TYR B 4 1.58 -20.36 9.67
N VAL B 5 1.04 -19.39 10.40
CA VAL B 5 -0.35 -19.50 10.80
C VAL B 5 -1.13 -18.39 10.11
N ALA B 6 -2.18 -18.78 9.40
CA ALA B 6 -3.02 -17.81 8.70
C ALA B 6 -4.35 -17.68 9.44
N LEU B 7 -4.56 -16.50 10.03
CA LEU B 7 -5.77 -16.25 10.81
C LEU B 7 -6.71 -15.37 10.05
N GLY B 8 -7.92 -15.23 10.60
CA GLY B 8 -8.78 -14.16 10.18
C GLY B 8 -10.13 -14.61 9.71
N ASP B 9 -10.73 -13.80 8.85
CA ASP B 9 -12.10 -13.98 8.46
C ASP B 9 -12.17 -14.47 7.02
N SER B 10 -13.30 -14.26 6.37
CA SER B 10 -13.51 -14.77 5.03
C SER B 10 -12.54 -14.19 4.00
N TYR B 11 -12.00 -13.00 4.23
CA TYR B 11 -11.06 -12.43 3.27
C TYR B 11 -9.73 -13.16 3.31
N SER B 12 -9.49 -13.88 4.41
CA SER B 12 -8.29 -14.71 4.53
C SER B 12 -8.61 -16.16 4.23
N SER B 13 -9.78 -16.64 4.67
CA SER B 13 -10.13 -18.03 4.38
C SER B 13 -10.33 -18.19 2.87
N GLY B 14 -10.86 -17.16 2.22
CA GLY B 14 -11.01 -17.21 0.78
C GLY B 14 -12.42 -17.55 0.34
N VAL B 15 -13.41 -17.16 1.14
CA VAL B 15 -14.79 -17.24 0.69
C VAL B 15 -14.88 -16.47 -0.61
N GLY B 16 -15.37 -17.13 -1.66
CA GLY B 16 -15.42 -16.47 -2.94
C GLY B 16 -14.41 -16.97 -3.97
N ALA B 17 -13.35 -17.64 -3.50
CA ALA B 17 -12.32 -18.16 -4.42
C ALA B 17 -12.51 -19.63 -4.76
N GLY B 18 -13.49 -20.27 -4.13
CA GLY B 18 -13.80 -21.66 -4.44
C GLY B 18 -12.77 -22.65 -3.95
N SER B 19 -12.85 -23.88 -4.45
CA SER B 19 -11.93 -24.95 -4.09
C SER B 19 -11.71 -25.04 -2.58
N TYR B 20 -12.79 -25.24 -1.83
CA TYR B 20 -12.66 -25.21 -0.37
C TYR B 20 -12.17 -26.53 0.18
N ASP B 21 -11.35 -26.45 1.22
CA ASP B 21 -10.91 -27.62 1.95
C ASP B 21 -12.12 -28.15 2.71
N SER B 22 -12.50 -29.40 2.43
CA SER B 22 -13.71 -29.95 3.02
C SER B 22 -13.62 -29.97 4.54
N SER B 23 -12.43 -30.27 5.06
CA SER B 23 -12.26 -30.37 6.50
C SER B 23 -12.44 -29.02 7.19
N SER B 24 -12.29 -27.94 6.44
CA SER B 24 -12.49 -26.61 7.02
C SER B 24 -13.96 -26.34 7.22
N GLY B 25 -14.79 -27.05 6.47
CA GLY B 25 -16.22 -26.97 6.64
C GLY B 25 -16.69 -25.55 6.41
N SER B 26 -17.47 -25.05 7.37
CA SER B 26 -18.11 -23.74 7.25
C SER B 26 -17.10 -22.59 7.34
N CYS B 27 -15.86 -22.89 7.69
CA CYS B 27 -14.83 -21.84 7.67
C CYS B 27 -14.48 -21.47 6.25
N LYS B 28 -14.81 -22.38 5.32
CA LYS B 28 -14.60 -22.19 3.89
C LYS B 28 -13.20 -21.70 3.61
N ARG B 29 -12.21 -22.51 4.00
CA ARG B 29 -10.83 -22.18 3.65
C ARG B 29 -10.53 -22.69 2.25
N SER B 30 -10.37 -21.73 1.34
CA SER B 30 -10.07 -22.01 -0.05
C SER B 30 -8.61 -22.39 -0.29
N THR B 31 -8.42 -23.36 -1.16
CA THR B 31 -7.12 -23.79 -1.61
C THR B 31 -6.44 -22.68 -2.43
N LYS B 32 -7.24 -21.72 -2.86
CA LYS B 32 -6.79 -20.64 -3.71
C LYS B 32 -6.89 -19.31 -2.99
N SER B 33 -7.00 -19.37 -1.67
CA SER B 33 -6.90 -18.20 -0.83
C SER B 33 -5.44 -17.78 -0.73
N TYR B 34 -5.19 -16.50 -0.42
CA TYR B 34 -3.81 -16.06 -0.38
C TYR B 34 -2.96 -16.84 0.63
N PRO B 35 -3.53 -17.27 1.77
CA PRO B 35 -2.60 -18.01 2.62
C PRO B 35 -2.24 -19.37 2.03
N ALA B 36 -3.22 -20.07 1.48
CA ALA B 36 -2.95 -21.35 0.85
C ALA B 36 -1.94 -21.18 -0.29
N LEU B 37 -2.15 -20.17 -1.11
CA LEU B 37 -1.24 -19.90 -2.23
C LEU B 37 0.15 -19.54 -1.75
N TRP B 38 0.24 -18.73 -0.70
CA TRP B 38 1.53 -18.41 -0.12
C TRP B 38 2.23 -19.65 0.40
N ALA B 39 1.50 -20.46 1.16
CA ALA B 39 2.09 -21.61 1.84
C ALA B 39 2.56 -22.66 0.84
N ALA B 40 1.75 -22.93 -0.17
CA ALA B 40 2.14 -23.89 -1.19
C ALA B 40 3.39 -23.39 -1.90
N SER B 41 3.37 -22.11 -2.28
CA SER B 41 4.42 -21.48 -3.09
C SER B 41 5.67 -21.05 -2.32
N HIS B 42 5.70 -21.25 -1.02
CA HIS B 42 6.95 -21.04 -0.29
C HIS B 42 7.45 -22.36 0.24
N THR B 43 8.47 -22.88 -0.44
CA THR B 43 9.00 -24.21 -0.15
C THR B 43 9.28 -24.43 1.33
N GLY B 44 8.71 -25.50 1.88
CA GLY B 44 8.96 -25.90 3.25
C GLY B 44 8.05 -25.29 4.31
N THR B 45 6.91 -24.76 3.89
CA THR B 45 6.01 -24.09 4.83
C THR B 45 5.17 -25.06 5.67
N ARG B 46 5.30 -24.96 6.98
CA ARG B 46 4.41 -25.68 7.88
C ARG B 46 3.18 -24.81 8.10
N PHE B 47 2.11 -25.15 7.39
CA PHE B 47 0.97 -24.25 7.21
C PHE B 47 -0.21 -24.60 8.11
N ASN B 48 -0.47 -23.74 9.10
CA ASN B 48 -1.67 -23.94 9.91
C ASN B 48 -2.68 -22.84 9.59
N PHE B 49 -3.73 -23.25 8.89
CA PHE B 49 -4.72 -22.35 8.33
C PHE B 49 -5.98 -22.39 9.19
N THR B 50 -6.19 -21.37 10.03
CA THR B 50 -7.33 -21.37 10.95
C THR B 50 -8.33 -20.26 10.67
N ALA B 51 -8.01 -19.40 9.69
CA ALA B 51 -8.97 -18.39 9.24
C ALA B 51 -10.34 -19.00 8.97
N CYS B 52 -11.37 -18.20 9.12
CA CYS B 52 -12.70 -18.77 9.10
C CYS B 52 -13.74 -17.72 8.71
N SER B 53 -14.54 -18.05 7.71
CA SER B 53 -15.66 -17.22 7.31
C SER B 53 -16.47 -16.76 8.52
N GLY B 54 -16.76 -15.46 8.56
CA GLY B 54 -17.65 -14.89 9.56
C GLY B 54 -16.96 -14.53 10.85
N ALA B 55 -15.65 -14.78 10.92
CA ALA B 55 -14.93 -14.54 12.16
C ALA B 55 -14.92 -13.06 12.54
N ARG B 56 -15.20 -12.83 13.83
CA ARG B 56 -14.92 -11.56 14.46
C ARG B 56 -13.63 -11.71 15.23
N THR B 57 -13.13 -10.62 15.78
CA THR B 57 -11.95 -10.66 16.63
C THR B 57 -12.12 -11.73 17.72
N GLY B 58 -13.31 -11.81 18.31
CA GLY B 58 -13.57 -12.76 19.37
C GLY B 58 -13.42 -14.20 18.92
N ASP B 59 -13.77 -14.45 17.67
CA ASP B 59 -13.66 -15.79 17.10
C ASP B 59 -12.21 -16.20 16.92
N VAL B 60 -11.38 -15.27 16.45
CA VAL B 60 -9.97 -15.55 16.30
C VAL B 60 -9.34 -15.97 17.65
N LEU B 61 -9.63 -15.20 18.69
CA LEU B 61 -9.15 -15.51 20.04
C LEU B 61 -9.63 -16.88 20.52
N ALA B 62 -10.92 -17.16 20.35
CA ALA B 62 -11.49 -18.37 20.90
C ALA B 62 -11.16 -19.62 20.08
N LYS B 63 -11.01 -19.48 18.77
CA LYS B 63 -10.98 -20.64 17.88
C LYS B 63 -9.73 -20.83 17.01
N GLN B 64 -9.02 -19.74 16.72
CA GLN B 64 -8.02 -19.79 15.66
C GLN B 64 -6.56 -19.77 16.12
N LEU B 65 -6.35 -19.58 17.41
CA LEU B 65 -5.00 -19.33 17.90
C LEU B 65 -4.26 -20.58 18.39
N THR B 66 -4.90 -21.73 18.38
CA THR B 66 -4.27 -22.97 18.84
C THR B 66 -2.84 -23.21 18.30
N PRO B 67 -2.64 -23.16 16.96
CA PRO B 67 -1.30 -23.50 16.47
C PRO B 67 -0.30 -22.35 16.54
N VAL B 68 -0.71 -21.25 17.16
CA VAL B 68 0.16 -20.08 17.32
C VAL B 68 1.02 -20.23 18.56
N ASN B 69 2.33 -20.33 18.36
CA ASN B 69 3.24 -20.56 19.48
C ASN B 69 4.66 -20.05 19.25
N SER B 70 5.56 -20.46 20.15
CA SER B 70 6.95 -20.02 20.10
C SER B 70 7.68 -20.42 18.83
N GLY B 71 7.14 -21.41 18.11
CA GLY B 71 7.71 -21.86 16.86
C GLY B 71 7.16 -21.14 15.64
N THR B 72 6.08 -20.38 15.82
CA THR B 72 5.47 -19.69 14.70
C THR B 72 6.38 -18.58 14.16
N ASP B 73 6.62 -18.60 12.86
CA ASP B 73 7.51 -17.61 12.26
C ASP B 73 6.75 -16.52 11.53
N LEU B 74 5.58 -16.86 11.03
CA LEU B 74 4.78 -15.94 10.24
C LEU B 74 3.32 -16.05 10.67
N VAL B 75 2.69 -14.90 10.86
CA VAL B 75 1.25 -14.87 11.10
C VAL B 75 0.64 -13.89 10.12
N SER B 76 -0.41 -14.28 9.42
CA SER B 76 -1.16 -13.30 8.65
C SER B 76 -2.58 -13.24 9.16
N ILE B 77 -3.22 -12.09 8.97
CA ILE B 77 -4.59 -11.95 9.42
C ILE B 77 -5.31 -10.85 8.67
N THR B 78 -6.57 -11.11 8.35
CA THR B 78 -7.54 -10.05 8.10
C THR B 78 -8.61 -10.25 9.15
N ILE B 79 -8.91 -9.21 9.92
CA ILE B 79 -9.98 -9.32 10.88
C ILE B 79 -10.48 -7.93 11.23
N GLY B 80 -11.77 -7.83 11.52
CA GLY B 80 -12.34 -6.59 11.99
C GLY B 80 -13.55 -6.16 11.22
N GLY B 81 -13.62 -6.57 9.96
CA GLY B 81 -14.74 -6.20 9.12
C GLY B 81 -16.04 -6.74 9.67
N ASN B 82 -16.01 -7.97 10.15
CA ASN B 82 -17.22 -8.52 10.74
C ASN B 82 -17.58 -7.87 12.07
N ASP B 83 -16.57 -7.49 12.84
CA ASP B 83 -16.81 -6.76 14.08
C ASP B 83 -17.56 -5.48 13.77
N ALA B 84 -17.16 -4.84 12.68
CA ALA B 84 -17.72 -3.56 12.28
C ALA B 84 -19.09 -3.73 11.64
N GLY B 85 -19.49 -4.98 11.40
CA GLY B 85 -20.80 -5.27 10.87
C GLY B 85 -20.90 -4.96 9.38
N PHE B 86 -19.83 -5.26 8.65
CA PHE B 86 -19.82 -4.96 7.22
C PHE B 86 -20.88 -5.78 6.48
N ALA B 87 -21.10 -7.01 6.92
CA ALA B 87 -22.09 -7.85 6.26
C ALA B 87 -23.49 -7.27 6.43
N ASP B 88 -23.84 -6.86 7.65
CA ASP B 88 -25.15 -6.27 7.89
C ASP B 88 -25.27 -4.92 7.20
N THR B 89 -24.15 -4.23 7.04
CA THR B 89 -24.14 -2.95 6.37
C THR B 89 -24.40 -3.12 4.87
N MET B 90 -23.74 -4.12 4.27
CA MET B 90 -23.90 -4.37 2.84
C MET B 90 -25.33 -4.79 2.55
N THR B 91 -25.90 -5.55 3.47
CA THR B 91 -27.28 -6.03 3.33
C THR B 91 -28.29 -4.89 3.48
N THR B 92 -28.08 -4.03 4.46
CA THR B 92 -28.93 -2.87 4.66
C THR B 92 -28.94 -1.98 3.42
N CYS B 93 -27.78 -1.82 2.80
CA CYS B 93 -27.67 -0.99 1.61
C CYS B 93 -28.32 -1.68 0.42
N ASN B 94 -28.12 -2.98 0.34
CA ASN B 94 -28.72 -3.79 -0.71
C ASN B 94 -30.19 -4.13 -0.48
N LEU B 95 -30.85 -3.45 0.48
CA LEU B 95 -32.27 -3.68 0.75
C LEU B 95 -33.10 -2.45 1.16
N GLN B 96 -32.52 -1.44 1.82
CA GLN B 96 -33.34 -0.45 2.52
C GLN B 96 -33.29 1.02 2.08
N GLY B 97 -32.66 1.31 0.96
CA GLY B 97 -32.61 2.68 0.47
C GLY B 97 -31.36 3.45 0.90
N GLU B 98 -31.05 4.51 0.16
CA GLU B 98 -29.81 5.25 0.37
C GLU B 98 -29.69 5.84 1.77
N SER B 99 -30.76 6.46 2.25
CA SER B 99 -30.75 7.06 3.58
C SER B 99 -30.42 6.02 4.66
N ALA B 100 -31.11 4.89 4.60
CA ALA B 100 -30.84 3.79 5.53
C ALA B 100 -29.42 3.28 5.32
N CYS B 101 -29.05 3.11 4.04
CA CYS B 101 -27.71 2.64 3.69
C CYS B 101 -26.64 3.55 4.27
N LEU B 102 -26.73 4.83 3.94
CA LEU B 102 -25.78 5.83 4.40
C LEU B 102 -25.75 5.91 5.93
N ALA B 103 -26.91 5.77 6.56
CA ALA B 103 -26.98 5.81 8.02
C ALA B 103 -26.30 4.58 8.61
N ARG B 104 -26.51 3.43 7.98
CA ARG B 104 -25.96 2.19 8.50
C ARG B 104 -24.43 2.18 8.39
N ILE B 105 -23.94 2.67 7.26
CA ILE B 105 -22.51 2.87 7.05
C ILE B 105 -21.92 3.78 8.13
N ALA B 106 -22.64 4.84 8.46
CA ALA B 106 -22.21 5.74 9.53
C ALA B 106 -22.07 5.00 10.86
N LYS B 107 -23.01 4.11 11.15
CA LYS B 107 -22.95 3.33 12.37
C LYS B 107 -21.71 2.43 12.35
N ALA B 108 -21.45 1.83 11.19
CA ALA B 108 -20.28 0.97 11.04
C ALA B 108 -18.98 1.77 11.19
N ARG B 109 -18.95 2.95 10.62
CA ARG B 109 -17.75 3.78 10.69
C ARG B 109 -17.55 4.23 12.12
N ALA B 110 -18.64 4.50 12.81
CA ALA B 110 -18.58 4.83 14.24
C ALA B 110 -17.98 3.68 15.02
N TYR B 111 -18.40 2.45 14.70
CA TYR B 111 -17.84 1.28 15.35
C TYR B 111 -16.35 1.18 15.04
N ILE B 112 -16.00 1.33 13.78
CA ILE B 112 -14.60 1.24 13.35
C ILE B 112 -13.71 2.19 14.14
N GLN B 113 -14.20 3.41 14.30
CA GLN B 113 -13.47 4.44 15.03
C GLN B 113 -13.46 4.17 16.53
N GLN B 114 -14.62 3.86 17.08
CA GLN B 114 -14.78 3.83 18.52
C GLN B 114 -14.40 2.50 19.17
N THR B 115 -14.73 1.40 18.51
CA THR B 115 -14.71 0.11 19.18
C THR B 115 -13.69 -0.85 18.59
N LEU B 116 -13.57 -0.83 17.26
CA LEU B 116 -12.62 -1.74 16.62
C LEU B 116 -11.18 -1.69 17.15
N PRO B 117 -10.63 -0.47 17.42
CA PRO B 117 -9.22 -0.49 17.84
C PRO B 117 -8.97 -1.40 19.05
N ALA B 118 -9.80 -1.28 20.07
CA ALA B 118 -9.67 -2.09 21.28
C ALA B 118 -9.89 -3.57 20.98
N GLN B 119 -10.79 -3.85 20.03
CA GLN B 119 -11.07 -5.23 19.68
C GLN B 119 -9.90 -5.84 18.93
N LEU B 120 -9.30 -5.06 18.04
CA LEU B 120 -8.10 -5.50 17.36
C LEU B 120 -7.00 -5.74 18.38
N ASP B 121 -6.91 -4.86 19.37
CA ASP B 121 -5.86 -5.01 20.37
C ASP B 121 -5.92 -6.36 21.06
N GLN B 122 -7.11 -6.87 21.34
CA GLN B 122 -7.22 -8.14 22.04
C GLN B 122 -6.63 -9.26 21.21
N VAL B 123 -6.93 -9.26 19.92
CA VAL B 123 -6.35 -10.27 19.03
C VAL B 123 -4.86 -10.08 18.91
N TYR B 124 -4.43 -8.85 18.66
CA TYR B 124 -3.02 -8.61 18.42
C TYR B 124 -2.22 -8.87 19.70
N ASP B 125 -2.77 -8.50 20.86
CA ASP B 125 -2.15 -8.83 22.15
C ASP B 125 -1.89 -10.32 22.26
N ALA B 126 -2.86 -11.12 21.83
CA ALA B 126 -2.76 -12.57 21.99
C ALA B 126 -1.72 -13.13 21.04
N ILE B 127 -1.65 -12.56 19.85
CA ILE B 127 -0.61 -12.95 18.91
C ILE B 127 0.75 -12.60 19.52
N ASP B 128 0.87 -11.38 20.04
CA ASP B 128 2.08 -10.92 20.70
C ASP B 128 2.57 -11.92 21.74
N SER B 129 1.64 -12.41 22.56
CA SER B 129 1.97 -13.30 23.68
C SER B 129 2.26 -14.71 23.23
N ARG B 130 1.43 -15.23 22.34
CA ARG B 130 1.57 -16.60 21.93
C ARG B 130 2.70 -16.80 20.93
N ALA B 131 2.90 -15.84 20.03
CA ALA B 131 3.98 -15.96 19.06
C ALA B 131 4.88 -14.74 19.00
N PRO B 132 5.66 -14.50 20.07
CA PRO B 132 6.48 -13.29 20.11
C PRO B 132 7.58 -13.30 19.05
N ALA B 133 7.96 -14.47 18.55
CA ALA B 133 9.02 -14.56 17.55
C ALA B 133 8.53 -14.33 16.12
N ALA B 134 7.21 -14.35 15.94
CA ALA B 134 6.63 -14.31 14.59
C ALA B 134 6.66 -12.94 13.94
N GLN B 135 6.96 -12.94 12.64
CA GLN B 135 6.66 -11.76 11.83
CA GLN B 135 6.66 -11.77 11.82
C GLN B 135 5.17 -11.79 11.56
N VAL B 136 4.50 -10.67 11.76
CA VAL B 136 3.06 -10.64 11.62
C VAL B 136 2.67 -9.66 10.53
N VAL B 137 1.81 -10.12 9.64
CA VAL B 137 1.32 -9.28 8.57
C VAL B 137 -0.20 -9.14 8.68
N VAL B 138 -0.65 -7.91 8.90
CA VAL B 138 -2.06 -7.61 8.88
C VAL B 138 -2.39 -7.11 7.48
N LEU B 139 -3.36 -7.74 6.83
CA LEU B 139 -3.75 -7.30 5.50
C LEU B 139 -5.06 -6.57 5.62
N GLY B 140 -5.20 -5.50 4.85
CA GLY B 140 -6.36 -4.66 4.91
C GLY B 140 -7.51 -5.20 4.09
N TYR B 141 -8.52 -4.37 3.89
CA TYR B 141 -9.63 -4.69 3.00
C TYR B 141 -9.59 -3.75 1.79
N PRO B 142 -10.08 -4.20 0.64
CA PRO B 142 -10.07 -3.30 -0.51
C PRO B 142 -11.21 -2.30 -0.48
N ARG B 143 -10.99 -1.12 -1.04
CA ARG B 143 -12.11 -0.25 -1.38
C ARG B 143 -12.95 -1.05 -2.34
N PHE B 144 -14.25 -1.10 -2.11
CA PHE B 144 -15.06 -2.03 -2.85
C PHE B 144 -15.46 -1.51 -4.22
N TYR B 145 -15.47 -0.19 -4.41
CA TYR B 145 -16.00 0.41 -5.63
C TYR B 145 -15.04 1.31 -6.38
N LYS B 146 -15.07 1.20 -7.71
CA LYS B 146 -14.52 2.23 -8.57
C LYS B 146 -15.51 3.38 -8.61
N LEU B 147 -15.03 4.60 -8.34
CA LEU B 147 -15.90 5.75 -8.37
C LEU B 147 -15.80 6.50 -9.70
N GLY B 148 -16.78 7.37 -9.96
CA GLY B 148 -16.67 8.34 -11.04
C GLY B 148 -17.44 8.01 -12.29
N GLY B 149 -17.43 6.76 -12.69
CA GLY B 149 -18.12 6.39 -13.90
C GLY B 149 -19.61 6.35 -13.67
N SER B 150 -20.31 5.78 -14.65
CA SER B 150 -21.64 5.27 -14.42
C SER B 150 -21.41 3.83 -14.03
N CYS B 151 -22.22 3.30 -13.11
CA CYS B 151 -22.07 1.89 -12.81
C CYS B 151 -23.39 1.18 -12.87
N ALA B 152 -23.40 0.03 -13.54
CA ALA B 152 -24.61 -0.77 -13.69
C ALA B 152 -25.01 -1.49 -12.41
N VAL B 153 -25.15 -0.71 -11.33
CA VAL B 153 -25.69 -1.21 -10.07
C VAL B 153 -26.71 -0.20 -9.52
N GLY B 154 -27.63 -0.69 -8.70
CA GLY B 154 -28.69 0.15 -8.15
C GLY B 154 -28.21 0.91 -6.94
N LEU B 155 -27.24 0.33 -6.23
CA LEU B 155 -26.57 1.01 -5.13
C LEU B 155 -26.03 2.32 -5.63
N SER B 156 -26.41 3.41 -4.97
CA SER B 156 -26.11 4.75 -5.49
C SER B 156 -24.63 5.08 -5.45
N GLU B 157 -24.24 6.05 -6.29
CA GLU B 157 -22.85 6.53 -6.32
C GLU B 157 -22.43 6.98 -4.93
N LYS B 158 -23.34 7.65 -4.24
CA LYS B 158 -23.07 8.17 -2.92
C LYS B 158 -22.80 7.02 -1.96
N SER B 159 -23.69 6.03 -2.02
CA SER B 159 -23.58 4.83 -1.18
C SER B 159 -22.27 4.08 -1.45
N ARG B 160 -21.91 3.97 -2.73
CA ARG B 160 -20.69 3.28 -3.13
C ARG B 160 -19.45 4.02 -2.65
N ALA B 161 -19.48 5.34 -2.77
CA ALA B 161 -18.37 6.13 -2.31
C ALA B 161 -18.31 6.08 -0.78
N ALA B 162 -19.48 5.95 -0.16
CA ALA B 162 -19.57 5.88 1.30
C ALA B 162 -19.04 4.54 1.81
N ILE B 163 -19.33 3.47 1.08
CA ILE B 163 -18.77 2.16 1.41
C ILE B 163 -17.25 2.18 1.32
N ASN B 164 -16.73 2.85 0.29
CA ASN B 164 -15.28 3.04 0.16
C ASN B 164 -14.69 3.80 1.34
N ALA B 165 -15.40 4.83 1.77
CA ALA B 165 -14.98 5.62 2.93
C ALA B 165 -14.88 4.75 4.17
N ALA B 166 -15.82 3.82 4.32
CA ALA B 166 -15.77 2.93 5.47
C ALA B 166 -14.56 2.02 5.36
N ALA B 167 -14.25 1.55 4.15
CA ALA B 167 -13.05 0.74 3.94
C ALA B 167 -11.82 1.55 4.33
N ASP B 168 -11.79 2.81 3.92
CA ASP B 168 -10.66 3.67 4.24
C ASP B 168 -10.47 3.74 5.74
N ASP B 169 -11.59 3.89 6.45
CA ASP B 169 -11.58 3.98 7.90
C ASP B 169 -11.03 2.74 8.57
N ILE B 170 -11.55 1.57 8.18
CA ILE B 170 -11.10 0.34 8.82
C ILE B 170 -9.63 0.09 8.48
N ASN B 171 -9.21 0.41 7.26
CA ASN B 171 -7.80 0.25 6.90
C ASN B 171 -6.87 1.20 7.65
N ALA B 172 -7.31 2.43 7.85
CA ALA B 172 -6.53 3.41 8.61
C ALA B 172 -6.39 2.99 10.08
N VAL B 173 -7.51 2.64 10.69
CA VAL B 173 -7.53 2.16 12.06
C VAL B 173 -6.66 0.92 12.21
N THR B 174 -6.82 -0.01 11.26
CA THR B 174 -6.11 -1.26 11.35
C THR B 174 -4.62 -1.04 11.12
N ALA B 175 -4.26 -0.18 10.17
CA ALA B 175 -2.86 0.08 9.88
C ALA B 175 -2.19 0.66 11.13
N LYS B 176 -2.87 1.59 11.77
CA LYS B 176 -2.35 2.17 13.02
C LYS B 176 -2.17 1.13 14.11
N ARG B 177 -3.19 0.29 14.29
CA ARG B 177 -3.15 -0.70 15.34
C ARG B 177 -2.06 -1.74 15.07
N ALA B 178 -1.92 -2.12 13.80
CA ALA B 178 -0.87 -3.06 13.42
C ALA B 178 0.50 -2.51 13.78
N ALA B 179 0.74 -1.28 13.33
CA ALA B 179 2.02 -0.63 13.53
C ALA B 179 2.31 -0.52 15.02
N ASP B 180 1.26 -0.27 15.79
CA ASP B 180 1.36 -0.17 17.24
C ASP B 180 1.85 -1.48 17.86
N HIS B 181 1.60 -2.61 17.21
CA HIS B 181 2.12 -3.88 17.71
C HIS B 181 3.38 -4.33 16.99
N GLY B 182 3.97 -3.42 16.23
CA GLY B 182 5.14 -3.76 15.43
C GLY B 182 4.85 -4.74 14.30
N PHE B 183 3.58 -4.80 13.89
CA PHE B 183 3.13 -5.67 12.80
C PHE B 183 3.28 -4.94 11.48
N ALA B 184 3.43 -5.68 10.39
CA ALA B 184 3.39 -5.07 9.08
C ALA B 184 1.93 -4.90 8.68
N PHE B 185 1.64 -3.85 7.92
CA PHE B 185 0.31 -3.71 7.34
C PHE B 185 0.41 -3.79 5.85
N GLY B 186 -0.48 -4.58 5.26
CA GLY B 186 -0.53 -4.71 3.82
C GLY B 186 -1.80 -4.11 3.25
N ASP B 187 -1.64 -2.98 2.60
CA ASP B 187 -2.72 -2.27 1.94
C ASP B 187 -3.05 -2.96 0.62
N VAL B 188 -4.25 -3.52 0.49
CA VAL B 188 -4.55 -4.29 -0.73
C VAL B 188 -5.10 -3.37 -1.83
N ASN B 189 -5.24 -2.09 -1.53
CA ASN B 189 -5.70 -1.19 -2.58
C ASN B 189 -4.65 -1.03 -3.66
N THR B 190 -3.40 -1.33 -3.36
CA THR B 190 -2.37 -1.15 -4.37
C THR B 190 -2.61 -2.14 -5.52
N THR B 191 -3.17 -3.30 -5.21
CA THR B 191 -3.42 -4.30 -6.25
C THR B 191 -4.85 -4.31 -6.73
N PHE B 192 -5.80 -4.03 -5.82
CA PHE B 192 -7.21 -4.06 -6.22
C PHE B 192 -7.63 -2.84 -7.03
N ALA B 193 -6.81 -1.79 -7.01
CA ALA B 193 -7.13 -0.60 -7.80
C ALA B 193 -7.26 -1.03 -9.27
N GLY B 194 -8.35 -0.63 -9.92
CA GLY B 194 -8.62 -1.05 -11.27
C GLY B 194 -9.37 -2.37 -11.35
N HIS B 195 -9.69 -2.94 -10.18
CA HIS B 195 -10.38 -4.22 -10.11
C HIS B 195 -11.43 -4.21 -9.02
N GLU B 196 -11.93 -3.02 -8.71
CA GLU B 196 -13.03 -2.88 -7.79
C GLU B 196 -14.33 -3.31 -8.44
N LEU B 197 -15.42 -3.31 -7.67
CA LEU B 197 -16.73 -3.38 -8.26
C LEU B 197 -16.93 -2.08 -9.04
N CYS B 198 -17.65 -2.18 -10.16
CA CYS B 198 -17.85 -1.08 -11.10
C CYS B 198 -16.61 -0.79 -11.96
N SER B 199 -15.55 -1.53 -11.75
CA SER B 199 -14.47 -1.53 -12.73
C SER B 199 -14.89 -2.51 -13.83
N GLY B 200 -14.11 -2.55 -14.90
CA GLY B 200 -14.43 -3.46 -15.99
C GLY B 200 -13.89 -4.86 -15.76
N ALA B 201 -13.11 -5.03 -14.70
CA ALA B 201 -12.51 -6.32 -14.39
C ALA B 201 -12.45 -6.54 -12.89
N PRO B 202 -13.62 -6.69 -12.24
CA PRO B 202 -13.65 -6.79 -10.78
C PRO B 202 -12.94 -8.02 -10.25
N TRP B 203 -12.23 -7.85 -9.15
CA TRP B 203 -11.66 -8.93 -8.38
C TRP B 203 -12.49 -9.15 -7.11
N LEU B 204 -13.68 -8.56 -7.12
CA LEU B 204 -14.64 -8.77 -6.04
C LEU B 204 -15.94 -9.27 -6.61
N HIS B 205 -16.61 -10.16 -5.88
CA HIS B 205 -17.98 -10.50 -6.24
C HIS B 205 -18.94 -9.35 -5.90
N SER B 206 -19.89 -9.06 -6.77
CA SER B 206 -20.94 -8.14 -6.36
C SER B 206 -21.95 -8.91 -5.53
N VAL B 207 -23.09 -8.30 -5.23
CA VAL B 207 -24.10 -9.00 -4.46
C VAL B 207 -24.59 -10.14 -5.35
N THR B 208 -24.39 -11.37 -4.89
CA THR B 208 -24.49 -12.52 -5.80
C THR B 208 -24.86 -13.83 -5.14
N LEU B 209 -24.88 -14.88 -5.95
CA LEU B 209 -25.06 -16.23 -5.49
C LEU B 209 -23.83 -17.08 -5.83
N PRO B 210 -23.38 -17.91 -4.87
CA PRO B 210 -23.95 -18.09 -3.53
C PRO B 210 -23.81 -16.84 -2.65
N VAL B 211 -24.80 -16.66 -1.78
CA VAL B 211 -24.91 -15.56 -0.82
C VAL B 211 -23.60 -15.20 -0.10
N GLU B 212 -22.81 -16.22 0.27
CA GLU B 212 -21.60 -15.99 1.05
C GLU B 212 -20.58 -15.17 0.28
N ASN B 213 -20.64 -15.23 -1.05
CA ASN B 213 -19.59 -14.66 -1.89
C ASN B 213 -19.65 -13.16 -2.06
N SER B 214 -20.80 -12.56 -1.78
CA SER B 214 -21.01 -11.13 -1.98
C SER B 214 -19.91 -10.28 -1.34
N TYR B 215 -19.36 -9.36 -2.14
CA TYR B 215 -18.31 -8.44 -1.71
C TYR B 215 -16.98 -9.10 -1.33
N HIS B 216 -16.86 -10.39 -1.60
CA HIS B 216 -15.62 -11.10 -1.29
C HIS B 216 -14.72 -11.22 -2.50
N PRO B 217 -13.42 -11.43 -2.25
CA PRO B 217 -12.51 -11.53 -3.39
C PRO B 217 -12.85 -12.74 -4.21
N THR B 218 -12.73 -12.58 -5.52
CA THR B 218 -12.75 -13.70 -6.43
C THR B 218 -11.44 -14.47 -6.30
N ALA B 219 -11.28 -15.55 -7.04
CA ALA B 219 -10.01 -16.26 -7.07
C ALA B 219 -8.89 -15.29 -7.51
N ASN B 220 -9.17 -14.45 -8.51
CA ASN B 220 -8.24 -13.39 -8.91
C ASN B 220 -7.96 -12.43 -7.76
N GLY B 221 -9.02 -12.02 -7.06
CA GLY B 221 -8.87 -11.18 -5.88
C GLY B 221 -7.90 -11.77 -4.88
N GLN B 222 -7.94 -13.09 -4.72
CA GLN B 222 -7.03 -13.75 -3.79
C GLN B 222 -5.60 -13.84 -4.33
N SER B 223 -5.46 -14.32 -5.56
CA SER B 223 -4.12 -14.59 -6.10
C SER B 223 -3.38 -13.37 -6.63
N LYS B 224 -4.12 -12.37 -7.08
CA LYS B 224 -3.51 -11.19 -7.68
C LYS B 224 -3.71 -10.00 -6.79
N GLY B 225 -4.70 -10.08 -5.90
CA GLY B 225 -5.00 -8.97 -5.02
C GLY B 225 -4.30 -9.16 -3.69
N TYR B 226 -4.70 -10.18 -2.95
CA TYR B 226 -4.16 -10.40 -1.62
C TYR B 226 -2.77 -11.02 -1.61
N LEU B 227 -2.54 -12.05 -2.41
CA LEU B 227 -1.27 -12.76 -2.33
C LEU B 227 -0.06 -11.83 -2.58
N PRO B 228 -0.13 -10.98 -3.60
CA PRO B 228 1.08 -10.18 -3.85
C PRO B 228 1.35 -9.22 -2.69
N VAL B 229 0.30 -8.82 -1.98
CA VAL B 229 0.46 -7.97 -0.82
C VAL B 229 1.11 -8.75 0.32
N LEU B 230 0.70 -10.00 0.53
CA LEU B 230 1.41 -10.81 1.51
C LEU B 230 2.87 -11.00 1.10
N ASN B 231 3.10 -11.22 -0.18
CA ASN B 231 4.47 -11.41 -0.67
C ASN B 231 5.32 -10.18 -0.49
N SER B 232 4.69 -9.02 -0.53
CA SER B 232 5.39 -7.75 -0.33
C SER B 232 5.97 -7.64 1.07
N ALA B 233 5.38 -8.34 2.03
CA ALA B 233 5.82 -8.22 3.42
C ALA B 233 6.58 -9.45 3.90
N THR B 234 6.88 -10.37 2.99
CA THR B 234 7.62 -11.58 3.32
C THR B 234 8.81 -11.76 2.38
#